data_4H62
#
_entry.id   4H62
#
_cell.length_a   261.230
_cell.length_b   261.230
_cell.length_c   47.740
_cell.angle_alpha   90.00
_cell.angle_beta   90.00
_cell.angle_gamma   120.00
#
_symmetry.space_group_name_H-M   'H 3 2'
#
loop_
_entity.id
_entity.type
_entity.pdbx_description
1 polymer 'Mediator of RNA polymerase II transcription subunit 11'
2 polymer 'Mediator of RNA polymerase II transcription subunit 22'
3 polymer 'Mediator of RNA polymerase II transcription subunit 17'
4 non-polymer '2-(N-MORPHOLINO)-ETHANESULFONIC ACID'
#
loop_
_entity_poly.entity_id
_entity_poly.type
_entity_poly.pdbx_seq_one_letter_code
_entity_poly.pdbx_strand_id
1 'polypeptide(L)' GSH(MSE)INVNKKALGQDTEK(MSE)EEQLDLLSAILDPSKSKGAGS K
2 'polypeptide(L)' GAGSGVTRFDEKQIEELLDNCIETFVAEKTT V
3 'polypeptide(L)'
;(MSE)KGTDFVHSVKKFLRVRIFTKIESEDDYILSGESV(MSE)DRDSESEEAETKDIRKQIQLLKKIIFEKEL(MSE)Y
QIKKECALLISYGVSIENENKVIIELPNEKFEIELLSLDDDSIVNHEQDLPKINDKRANL(MSE)LV(MSE)LRLLLVVI
FKKTLRSRISSPHGLINLNVDDDILIIRPILGKVRFANYKLLLKKIIKDYVLDIVPGSSITETEVEREQPQENKNIDDEN
ITKLNKEIRAFDKLLNIPRRELKINLPLTEHKSPNLSL(MSE)LESPNYCNALIHIKFSAGTEANAVSFDTTFSDFKEVE
DFLHFIVAEYIQQKKV
;
Q
#
# COMPACT_ATOMS: atom_id res chain seq x y z
N GLN A 14 -5.08 -20.05 -18.99
CA GLN A 14 -4.04 -19.04 -19.17
C GLN A 14 -4.29 -17.85 -18.25
N ASP A 15 -3.31 -17.61 -17.37
CA ASP A 15 -3.37 -16.54 -16.39
C ASP A 15 -3.17 -15.15 -16.99
N THR A 16 -2.53 -15.08 -18.15
CA THR A 16 -2.44 -13.82 -18.89
C THR A 16 -3.84 -13.43 -19.34
N GLU A 17 -4.71 -14.42 -19.53
CA GLU A 17 -6.08 -14.15 -19.90
C GLU A 17 -6.86 -13.55 -18.72
N LYS A 18 -6.59 -14.07 -17.52
CA LYS A 18 -7.22 -13.55 -16.31
C LYS A 18 -6.84 -12.09 -16.12
N GLU A 20 -5.82 -9.81 -18.24
CA GLU A 20 -6.39 -8.88 -19.21
C GLU A 20 -7.83 -8.58 -18.85
N GLU A 21 -8.50 -9.56 -18.27
CA GLU A 21 -9.88 -9.40 -17.81
C GLU A 21 -9.95 -8.32 -16.73
N GLN A 22 -9.07 -8.44 -15.74
CA GLN A 22 -9.06 -7.51 -14.61
C GLN A 22 -8.62 -6.09 -14.99
N LEU A 23 -7.60 -5.99 -15.83
CA LEU A 23 -7.15 -4.69 -16.31
C LEU A 23 -8.28 -4.00 -17.09
N ASP A 24 -8.93 -4.75 -17.98
CA ASP A 24 -10.11 -4.28 -18.68
C ASP A 24 -11.11 -3.77 -17.67
N LEU A 25 -11.37 -4.58 -16.65
CA LEU A 25 -12.30 -4.25 -15.58
C LEU A 25 -11.86 -2.97 -14.87
N LEU A 26 -10.56 -2.84 -14.64
CA LEU A 26 -10.04 -1.73 -13.87
C LEU A 26 -10.13 -0.40 -14.63
N SER A 27 -9.73 -0.41 -15.90
CA SER A 27 -9.76 0.81 -16.71
C SER A 27 -11.19 1.24 -16.92
N ALA A 28 -12.09 0.26 -16.90
CA ALA A 28 -13.52 0.52 -17.06
C ALA A 28 -14.09 1.19 -15.82
N ILE A 29 -13.61 0.79 -14.64
CA ILE A 29 -14.01 1.43 -13.40
C ILE A 29 -13.49 2.86 -13.35
N LEU A 30 -12.23 3.04 -13.71
CA LEU A 30 -11.59 4.35 -13.73
C LEU A 30 -12.24 5.27 -14.75
N ASP A 31 -12.53 4.74 -15.93
CA ASP A 31 -13.22 5.50 -16.96
C ASP A 31 -14.53 4.82 -17.35
N PRO A 32 -15.61 5.09 -16.60
CA PRO A 32 -16.91 4.47 -16.88
C PRO A 32 -17.54 5.03 -18.14
N ASP B 10 1.04 -1.81 -23.45
CA ASP B 10 1.21 -2.76 -22.37
C ASP B 10 1.73 -2.09 -21.10
N GLU B 11 3.04 -2.19 -20.87
CA GLU B 11 3.65 -1.77 -19.62
C GLU B 11 3.29 -0.37 -19.17
N LYS B 12 3.51 0.61 -20.04
CA LYS B 12 3.20 2.00 -19.71
C LYS B 12 1.72 2.17 -19.42
N GLN B 13 0.89 1.54 -20.24
CA GLN B 13 -0.55 1.54 -20.04
C GLN B 13 -0.88 1.06 -18.64
N ILE B 14 -0.21 -0.02 -18.22
CA ILE B 14 -0.43 -0.58 -16.90
C ILE B 14 0.09 0.34 -15.79
N GLU B 15 1.27 0.90 -16.01
CA GLU B 15 1.87 1.79 -15.02
C GLU B 15 1.05 3.06 -14.83
N GLU B 16 0.40 3.51 -15.89
CA GLU B 16 -0.46 4.68 -15.82
C GLU B 16 -1.78 4.33 -15.16
N LEU B 17 -2.25 3.12 -15.40
CA LEU B 17 -3.55 2.70 -14.90
C LEU B 17 -3.47 2.43 -13.41
N LEU B 18 -2.36 1.87 -12.97
CA LEU B 18 -2.18 1.58 -11.55
C LEU B 18 -1.91 2.86 -10.78
N ASP B 19 -1.26 3.81 -11.45
CA ASP B 19 -0.96 5.11 -10.85
C ASP B 19 -2.25 5.80 -10.48
N ASN B 20 -3.24 5.70 -11.36
CA ASN B 20 -4.54 6.26 -11.08
C ASN B 20 -5.26 5.49 -9.98
N CYS B 21 -5.34 4.17 -10.16
CA CYS B 21 -5.99 3.28 -9.21
C CYS B 21 -5.51 3.51 -7.78
N ILE B 22 -4.20 3.45 -7.58
CA ILE B 22 -3.64 3.65 -6.25
C ILE B 22 -3.96 5.04 -5.68
N GLU B 23 -3.96 6.06 -6.55
CA GLU B 23 -4.22 7.42 -6.10
C GLU B 23 -5.63 7.55 -5.59
N THR B 24 -6.57 7.12 -6.42
CA THR B 24 -7.99 7.21 -6.12
C THR B 24 -8.37 6.37 -4.92
N PHE B 25 -7.65 5.29 -4.73
CA PHE B 25 -7.97 4.38 -3.62
C PHE B 25 -7.52 4.90 -2.26
N VAL B 26 -6.37 5.58 -2.18
CA VAL B 26 -5.94 6.12 -0.89
C VAL B 26 -6.71 7.40 -0.52
N ALA B 27 -7.15 8.15 -1.54
CA ALA B 27 -7.82 9.43 -1.35
C ALA B 27 -6.90 10.38 -0.60
N GLU B 28 -5.61 10.23 -0.83
CA GLU B 28 -4.59 10.96 -0.10
C GLU B 28 -4.64 12.44 -0.43
N LYS B 29 -5.13 12.75 -1.62
CA LYS B 29 -5.14 14.12 -2.16
C LYS B 29 -5.60 15.09 -1.08
N THR B 30 -6.86 14.94 -0.67
CA THR B 30 -7.40 15.60 0.52
C THR B 30 -7.06 17.10 0.58
N THR B 31 -7.10 17.75 -0.57
CA THR B 31 -6.82 19.19 -0.66
C THR B 31 -7.52 19.80 -1.87
N HIS C 8 -26.07 -23.96 -4.92
CA HIS C 8 -25.98 -22.95 -3.87
C HIS C 8 -25.14 -23.45 -2.71
N SER C 9 -24.80 -24.74 -2.74
CA SER C 9 -24.03 -25.35 -1.65
C SER C 9 -22.77 -24.54 -1.39
N VAL C 10 -21.82 -24.62 -2.32
CA VAL C 10 -20.82 -23.59 -2.36
C VAL C 10 -20.66 -23.05 -3.78
N LYS C 11 -21.25 -21.89 -4.01
CA LYS C 11 -20.89 -21.03 -5.13
C LYS C 11 -20.87 -19.69 -4.45
N LYS C 12 -19.68 -19.11 -4.32
CA LYS C 12 -19.53 -17.90 -3.56
C LYS C 12 -18.57 -17.01 -4.33
N PHE C 13 -18.84 -15.73 -4.33
CA PHE C 13 -17.86 -14.77 -4.82
C PHE C 13 -17.42 -13.92 -3.65
N LEU C 14 -16.46 -13.02 -3.86
CA LEU C 14 -16.14 -12.09 -2.79
C LEU C 14 -16.38 -10.63 -3.14
N ARG C 15 -16.99 -9.92 -2.20
CA ARG C 15 -17.11 -8.48 -2.31
C ARG C 15 -16.43 -7.87 -1.08
N VAL C 16 -15.98 -6.63 -1.25
CA VAL C 16 -15.35 -5.91 -0.16
C VAL C 16 -16.23 -4.72 0.14
N ARG C 17 -16.59 -4.55 1.41
CA ARG C 17 -17.29 -3.33 1.82
C ARG C 17 -16.38 -2.46 2.68
N ILE C 18 -16.58 -1.15 2.61
CA ILE C 18 -15.80 -0.19 3.37
C ILE C 18 -16.69 0.49 4.40
N PHE C 19 -16.23 0.51 5.65
CA PHE C 19 -16.96 1.20 6.70
C PHE C 19 -16.24 2.48 7.07
N THR C 20 -17.00 3.50 7.47
CA THR C 20 -16.46 4.81 7.82
C THR C 20 -16.75 5.13 9.27
N LYS C 21 -15.73 5.55 10.02
CA LYS C 21 -15.92 5.94 11.41
C LYS C 21 -16.47 7.37 11.47
N ILE C 22 -17.28 7.66 12.48
CA ILE C 22 -17.90 8.98 12.61
C ILE C 22 -17.59 9.70 13.93
N GLU C 23 -18.20 10.87 14.11
CA GLU C 23 -17.88 11.77 15.21
C GLU C 23 -18.40 11.35 16.58
N SER C 24 -19.27 10.33 16.63
CA SER C 24 -19.66 9.75 17.91
C SER C 24 -18.49 8.89 18.38
N GLU C 25 -17.63 8.52 17.43
CA GLU C 25 -16.33 7.88 17.69
C GLU C 25 -16.41 6.45 18.24
N ASP C 26 -17.62 5.99 18.57
CA ASP C 26 -17.81 4.67 19.14
C ASP C 26 -17.79 3.57 18.07
N ASP C 27 -18.45 3.84 16.95
CA ASP C 27 -18.67 2.82 15.93
C ASP C 27 -18.58 3.33 14.49
N TYR C 28 -18.51 2.38 13.55
CA TYR C 28 -18.44 2.70 12.13
C TYR C 28 -19.82 2.63 11.49
N ILE C 29 -19.89 2.96 10.21
CA ILE C 29 -21.09 2.74 9.38
C ILE C 29 -20.64 2.48 7.94
N LEU C 30 -21.53 1.95 7.11
CA LEU C 30 -21.11 1.44 5.80
C LEU C 30 -21.14 2.53 4.74
N SER C 31 -19.98 2.93 4.25
CA SER C 31 -19.90 3.92 3.18
C SER C 31 -19.64 3.40 1.76
N GLY C 32 -19.43 2.09 1.58
CA GLY C 32 -19.16 1.59 0.24
C GLY C 32 -19.14 0.08 0.08
N GLU C 33 -19.44 -0.38 -1.13
CA GLU C 33 -19.53 -1.80 -1.41
C GLU C 33 -19.24 -2.10 -2.87
N SER C 34 -18.56 -3.21 -3.13
CA SER C 34 -18.26 -3.62 -4.48
C SER C 34 -19.44 -4.40 -5.05
N VAL C 35 -19.71 -4.19 -6.34
CA VAL C 35 -20.79 -4.89 -7.01
C VAL C 35 -20.40 -6.32 -7.33
N ASP C 37 -21.40 -9.06 -10.29
CA ASP C 37 -22.09 -9.12 -11.59
C ASP C 37 -22.46 -10.54 -12.02
N ARG C 38 -23.62 -10.66 -12.66
CA ARG C 38 -24.12 -11.94 -13.14
C ARG C 38 -24.06 -12.06 -14.65
N ASP C 49 -21.58 -22.63 -24.36
CA ASP C 49 -22.27 -23.34 -23.28
C ASP C 49 -21.30 -24.06 -22.36
N ILE C 50 -20.69 -25.13 -22.86
CA ILE C 50 -19.73 -25.91 -22.10
C ILE C 50 -18.56 -25.04 -21.64
N ARG C 51 -18.14 -24.11 -22.50
CA ARG C 51 -17.09 -23.17 -22.15
C ARG C 51 -17.58 -22.18 -21.09
N LYS C 52 -18.85 -21.81 -21.17
CA LYS C 52 -19.42 -20.85 -20.22
C LYS C 52 -19.54 -21.44 -18.83
N GLN C 53 -19.72 -22.76 -18.76
CA GLN C 53 -19.76 -23.46 -17.48
C GLN C 53 -18.35 -23.64 -16.95
N ILE C 54 -17.39 -23.67 -17.86
CA ILE C 54 -15.98 -23.70 -17.49
C ILE C 54 -15.57 -22.32 -16.96
N GLN C 55 -16.04 -21.27 -17.63
CA GLN C 55 -15.76 -19.89 -17.23
C GLN C 55 -16.21 -19.62 -15.80
N LEU C 56 -17.46 -19.95 -15.51
CA LEU C 56 -17.99 -19.75 -14.18
C LEU C 56 -17.23 -20.60 -13.16
N LEU C 57 -16.90 -21.82 -13.54
CA LEU C 57 -16.15 -22.70 -12.64
C LEU C 57 -14.72 -22.21 -12.39
N LYS C 58 -14.13 -21.53 -13.36
CA LYS C 58 -12.79 -20.99 -13.20
C LYS C 58 -12.78 -19.74 -12.29
N LYS C 59 -13.75 -18.86 -12.53
CA LYS C 59 -13.93 -17.68 -11.68
C LYS C 59 -14.32 -18.10 -10.28
N ILE C 60 -14.93 -19.27 -10.14
CA ILE C 60 -15.26 -19.72 -8.80
C ILE C 60 -14.02 -20.18 -8.03
N ILE C 61 -13.24 -21.06 -8.64
CA ILE C 61 -12.06 -21.60 -7.97
C ILE C 61 -11.09 -20.49 -7.63
N PHE C 62 -10.92 -19.59 -8.59
CA PHE C 62 -10.02 -18.44 -8.45
C PHE C 62 -10.28 -17.64 -7.19
N GLU C 63 -11.53 -17.24 -6.98
CA GLU C 63 -11.90 -16.45 -5.82
C GLU C 63 -11.78 -17.25 -4.52
N LYS C 64 -12.08 -18.54 -4.58
CA LYS C 64 -11.91 -19.37 -3.39
C LYS C 64 -10.43 -19.46 -3.03
N GLU C 65 -9.57 -19.40 -4.04
CA GLU C 65 -8.14 -19.39 -3.82
C GLU C 65 -7.76 -18.08 -3.17
N LEU C 66 -8.29 -16.99 -3.73
CA LEU C 66 -8.00 -15.64 -3.26
C LEU C 66 -8.27 -15.48 -1.77
N TYR C 68 -8.45 -17.94 0.34
CA TYR C 68 -7.59 -18.85 1.07
C TYR C 68 -6.27 -18.18 1.37
N GLN C 69 -5.63 -17.65 0.33
CA GLN C 69 -4.30 -17.06 0.46
C GLN C 69 -4.33 -15.84 1.38
N ILE C 70 -5.30 -14.97 1.15
CA ILE C 70 -5.49 -13.79 1.99
C ILE C 70 -5.53 -14.19 3.45
N LYS C 71 -6.38 -15.16 3.79
CA LYS C 71 -6.44 -15.71 5.13
C LYS C 71 -5.08 -16.16 5.65
N LYS C 72 -4.25 -16.72 4.78
CA LYS C 72 -2.94 -17.17 5.19
C LYS C 72 -2.01 -15.98 5.46
N GLU C 73 -2.04 -14.99 4.56
CA GLU C 73 -1.26 -13.78 4.73
C GLU C 73 -1.64 -13.02 6.00
N CYS C 74 -2.92 -13.00 6.31
CA CYS C 74 -3.43 -12.24 7.46
C CYS C 74 -2.88 -12.72 8.79
N ALA C 75 -2.41 -13.96 8.81
CA ALA C 75 -1.80 -14.54 9.99
C ALA C 75 -0.62 -13.68 10.43
N LEU C 76 0.09 -13.12 9.44
CA LEU C 76 1.22 -12.28 9.72
C LEU C 76 0.78 -10.91 10.23
N LEU C 77 -0.38 -10.45 9.77
CA LEU C 77 -0.80 -9.07 9.97
C LEU C 77 -1.62 -8.84 11.23
N ILE C 78 -1.76 -9.86 12.07
CA ILE C 78 -2.62 -9.79 13.25
C ILE C 78 -2.31 -8.56 14.14
N SER C 79 -1.06 -8.11 14.10
CA SER C 79 -0.60 -6.96 14.88
C SER C 79 -0.96 -5.61 14.25
N TYR C 80 -1.20 -5.63 12.95
CA TYR C 80 -1.39 -4.41 12.16
C TYR C 80 -2.84 -3.96 11.94
N GLY C 81 -3.77 -4.59 12.66
CA GLY C 81 -5.14 -4.13 12.68
C GLY C 81 -5.98 -5.04 11.83
N VAL C 82 -5.32 -6.08 11.32
CA VAL C 82 -5.97 -7.07 10.49
C VAL C 82 -6.42 -8.25 11.35
N SER C 83 -7.72 -8.44 11.38
CA SER C 83 -8.33 -9.49 12.17
C SER C 83 -9.00 -10.48 11.24
N ILE C 84 -8.79 -11.76 11.49
CA ILE C 84 -9.51 -12.79 10.75
C ILE C 84 -10.61 -13.34 11.65
N GLU C 85 -11.85 -13.08 11.26
CA GLU C 85 -12.99 -13.27 12.15
C GLU C 85 -13.73 -14.55 11.83
N ASN C 86 -14.24 -14.61 10.61
CA ASN C 86 -14.96 -15.77 10.12
C ASN C 86 -14.14 -16.41 9.01
N GLU C 87 -14.33 -17.71 8.79
CA GLU C 87 -13.60 -18.44 7.75
C GLU C 87 -13.84 -17.85 6.36
N ASN C 88 -14.96 -17.15 6.19
CA ASN C 88 -15.26 -16.41 4.97
C ASN C 88 -15.04 -14.89 5.03
N LYS C 89 -14.54 -14.37 6.15
CA LYS C 89 -14.42 -12.91 6.29
C LYS C 89 -13.21 -12.40 7.07
N VAL C 90 -12.52 -11.40 6.51
CA VAL C 90 -11.44 -10.70 7.23
C VAL C 90 -11.71 -9.20 7.33
N ILE C 91 -11.39 -8.63 8.49
CA ILE C 91 -11.61 -7.22 8.70
C ILE C 91 -10.29 -6.47 8.91
N ILE C 92 -10.13 -5.38 8.18
CA ILE C 92 -8.90 -4.59 8.24
C ILE C 92 -9.21 -3.22 8.87
N GLU C 93 -8.73 -3.02 10.09
CA GLU C 93 -9.09 -1.84 10.86
C GLU C 93 -8.11 -0.69 10.70
N LEU C 94 -8.64 0.47 10.32
CA LEU C 94 -7.85 1.69 10.17
C LEU C 94 -8.51 2.79 11.01
N PRO C 95 -7.78 3.88 11.32
CA PRO C 95 -8.35 4.83 12.28
C PRO C 95 -9.69 5.46 11.88
N ASN C 96 -9.81 5.97 10.66
CA ASN C 96 -11.09 6.52 10.19
C ASN C 96 -11.94 5.62 9.27
N GLU C 97 -11.49 4.40 9.05
CA GLU C 97 -12.17 3.49 8.15
C GLU C 97 -11.93 2.05 8.56
N LYS C 98 -12.76 1.15 8.06
CA LYS C 98 -12.46 -0.27 8.20
C LYS C 98 -12.87 -0.96 6.93
N PHE C 99 -12.21 -2.07 6.62
CA PHE C 99 -12.50 -2.82 5.40
C PHE C 99 -12.95 -4.23 5.75
N GLU C 100 -13.97 -4.71 5.05
CA GLU C 100 -14.35 -6.11 5.18
C GLU C 100 -14.17 -6.74 3.82
N ILE C 101 -13.53 -7.91 3.79
CA ILE C 101 -13.45 -8.71 2.59
C ILE C 101 -14.15 -10.00 2.94
N GLU C 102 -15.24 -10.28 2.23
CA GLU C 102 -16.09 -11.41 2.55
C GLU C 102 -16.32 -12.26 1.33
N LEU C 103 -16.20 -13.59 1.49
CA LEU C 103 -16.57 -14.52 0.43
C LEU C 103 -17.95 -15.03 0.73
N LEU C 104 -18.93 -14.68 -0.10
CA LEU C 104 -20.33 -14.94 0.23
C LEU C 104 -21.18 -15.34 -0.97
N SER C 105 -22.27 -16.05 -0.72
CA SER C 105 -23.13 -16.48 -1.81
C SER C 105 -24.15 -15.39 -2.13
N LEU C 106 -24.95 -15.61 -3.18
CA LEU C 106 -25.87 -14.60 -3.68
C LEU C 106 -27.18 -14.51 -2.86
N ASP C 107 -27.39 -15.44 -1.94
CA ASP C 107 -28.60 -15.42 -1.12
C ASP C 107 -28.55 -14.36 0.00
N ASP C 108 -27.43 -14.30 0.71
CA ASP C 108 -27.27 -13.34 1.80
C ASP C 108 -27.08 -11.93 1.25
N ASP C 109 -27.75 -10.96 1.88
CA ASP C 109 -27.67 -9.55 1.51
C ASP C 109 -28.11 -9.33 0.07
N LEU C 118 -28.76 3.62 -6.91
CA LEU C 118 -28.40 3.18 -5.56
C LEU C 118 -26.97 3.53 -5.05
N PRO C 119 -26.18 4.32 -5.82
CA PRO C 119 -24.73 4.29 -5.58
C PRO C 119 -24.31 5.02 -4.30
N LYS C 120 -23.07 4.81 -3.85
CA LYS C 120 -22.54 5.58 -2.73
C LYS C 120 -21.04 5.90 -2.78
N ILE C 121 -20.58 6.66 -1.79
CA ILE C 121 -19.27 7.31 -1.81
C ILE C 121 -18.09 6.40 -2.13
N ASN C 122 -17.99 5.31 -1.38
CA ASN C 122 -16.83 4.43 -1.47
C ASN C 122 -17.00 3.19 -2.37
N ASP C 123 -18.13 3.10 -3.07
CA ASP C 123 -18.36 2.02 -4.01
C ASP C 123 -17.20 1.88 -4.99
N LYS C 124 -16.75 3.02 -5.52
CA LYS C 124 -15.65 3.04 -6.47
C LYS C 124 -14.35 2.48 -5.86
N ARG C 125 -14.10 2.84 -4.61
CA ARG C 125 -12.89 2.39 -3.93
C ARG C 125 -12.97 0.91 -3.58
N ALA C 126 -14.16 0.45 -3.19
CA ALA C 126 -14.35 -0.97 -2.92
C ALA C 126 -14.15 -1.81 -4.18
N ASN C 127 -14.62 -1.30 -5.31
CA ASN C 127 -14.41 -1.97 -6.58
C ASN C 127 -12.93 -2.02 -6.97
N LEU C 128 -12.20 -0.97 -6.64
CA LEU C 128 -10.79 -0.91 -6.98
C LEU C 128 -9.99 -1.88 -6.11
N LEU C 130 -11.06 -4.50 -4.79
CA LEU C 130 -11.42 -5.81 -5.30
C LEU C 130 -10.62 -6.25 -6.54
N VAL C 131 -10.59 -5.42 -7.57
CA VAL C 131 -9.82 -5.74 -8.78
C VAL C 131 -8.35 -5.88 -8.47
N LEU C 133 -7.10 -6.83 -5.67
CA LEU C 133 -6.91 -8.09 -4.95
C LEU C 133 -6.65 -9.22 -5.94
N ARG C 134 -7.59 -9.43 -6.87
CA ARG C 134 -7.47 -10.45 -7.92
C ARG C 134 -6.15 -10.34 -8.70
N LEU C 135 -5.83 -9.12 -9.11
CA LEU C 135 -4.59 -8.85 -9.83
C LEU C 135 -3.38 -9.30 -9.03
N LEU C 136 -3.43 -9.15 -7.72
CA LEU C 136 -2.29 -9.53 -6.91
C LEU C 136 -2.08 -11.05 -6.95
N LEU C 137 -3.19 -11.79 -6.94
CA LEU C 137 -3.12 -13.25 -7.06
C LEU C 137 -2.55 -13.69 -8.41
N VAL C 138 -2.96 -12.99 -9.47
CA VAL C 138 -2.46 -13.27 -10.81
C VAL C 138 -0.94 -13.14 -10.85
N VAL C 139 -0.42 -12.07 -10.26
CA VAL C 139 1.02 -11.87 -10.20
C VAL C 139 1.68 -13.02 -9.43
N ILE C 140 1.03 -13.46 -8.36
CA ILE C 140 1.51 -14.60 -7.62
C ILE C 140 1.59 -15.82 -8.53
N PHE C 141 0.57 -16.01 -9.37
CA PHE C 141 0.59 -17.10 -10.33
C PHE C 141 1.73 -16.96 -11.33
N LYS C 142 1.99 -15.73 -11.77
CA LYS C 142 3.07 -15.46 -12.71
C LYS C 142 4.41 -15.82 -12.07
N LYS C 143 4.54 -15.52 -10.78
CA LYS C 143 5.78 -15.76 -10.08
C LYS C 143 6.07 -17.25 -9.88
N THR C 144 5.05 -18.01 -9.47
CA THR C 144 5.23 -19.44 -9.24
C THR C 144 5.64 -20.10 -10.53
N LEU C 145 4.92 -19.77 -11.59
CA LEU C 145 5.21 -20.32 -12.91
C LEU C 145 6.65 -19.99 -13.32
N ARG C 146 7.04 -18.72 -13.20
CA ARG C 146 8.41 -18.29 -13.49
C ARG C 146 9.41 -19.04 -12.62
N SER C 147 9.07 -19.19 -11.34
CA SER C 147 9.91 -19.92 -10.41
C SER C 147 10.09 -21.35 -10.89
N ARG C 148 9.08 -21.89 -11.54
CA ARG C 148 9.12 -23.24 -12.11
C ARG C 148 9.82 -23.30 -13.46
N ILE C 149 9.66 -22.26 -14.28
CA ILE C 149 10.22 -22.29 -15.62
C ILE C 149 11.73 -22.26 -15.52
N SER C 150 12.23 -21.27 -14.82
CA SER C 150 13.65 -20.96 -14.88
C SER C 150 14.51 -21.91 -14.07
N SER C 151 14.45 -21.77 -12.75
CA SER C 151 15.39 -22.47 -11.87
C SER C 151 15.29 -23.99 -11.66
N PRO C 152 14.10 -24.46 -11.25
CA PRO C 152 14.06 -25.69 -10.44
C PRO C 152 14.51 -26.96 -11.14
N HIS C 153 14.11 -27.17 -12.39
CA HIS C 153 14.25 -28.46 -13.05
C HIS C 153 13.59 -29.48 -12.11
N GLY C 154 12.34 -29.18 -11.77
CA GLY C 154 11.79 -29.58 -10.50
C GLY C 154 10.63 -28.67 -10.15
N LEU C 155 10.40 -28.45 -8.85
CA LEU C 155 9.17 -27.83 -8.37
C LEU C 155 9.41 -26.49 -7.68
N ILE C 156 8.31 -25.74 -7.52
CA ILE C 156 8.31 -24.41 -6.92
C ILE C 156 8.77 -24.41 -5.47
N ASN C 157 9.25 -23.26 -5.01
CA ASN C 157 9.42 -23.04 -3.58
C ASN C 157 8.94 -21.64 -3.18
N LEU C 158 7.95 -21.60 -2.29
CA LEU C 158 7.33 -20.33 -1.89
C LEU C 158 7.22 -20.13 -0.38
N ASN C 159 7.18 -18.87 0.03
CA ASN C 159 6.94 -18.51 1.42
C ASN C 159 5.76 -17.56 1.53
N VAL C 160 4.96 -17.75 2.58
CA VAL C 160 3.87 -16.83 2.87
C VAL C 160 4.45 -15.44 3.13
N ASP C 161 5.40 -15.36 4.07
CA ASP C 161 6.04 -14.08 4.39
C ASP C 161 6.63 -13.39 3.16
N ASP C 162 7.23 -14.18 2.27
CA ASP C 162 8.00 -13.62 1.16
C ASP C 162 7.17 -13.23 -0.05
N ASP C 163 6.69 -14.22 -0.80
CA ASP C 163 6.06 -13.99 -2.10
C ASP C 163 4.51 -14.00 -2.19
N ILE C 164 3.83 -14.13 -1.05
CA ILE C 164 2.37 -14.20 -1.06
C ILE C 164 1.60 -12.86 -0.97
N LEU C 165 2.33 -11.74 -1.10
CA LEU C 165 1.75 -10.42 -0.86
C LEU C 165 0.47 -10.08 -1.64
N ILE C 166 -0.62 -9.89 -0.91
CA ILE C 166 -1.93 -9.49 -1.45
C ILE C 166 -2.51 -8.34 -0.61
N ILE C 167 -2.72 -8.59 0.67
CA ILE C 167 -3.21 -7.53 1.53
C ILE C 167 -2.15 -6.46 1.76
N ARG C 168 -0.95 -6.87 2.12
CA ARG C 168 0.15 -5.94 2.41
C ARG C 168 0.38 -4.80 1.40
N PRO C 169 0.56 -5.11 0.10
CA PRO C 169 0.79 -4.01 -0.83
C PRO C 169 -0.36 -3.00 -0.84
N ILE C 170 -1.60 -3.48 -0.86
CA ILE C 170 -2.75 -2.59 -0.87
C ILE C 170 -2.89 -1.79 0.42
N LEU C 171 -2.94 -2.50 1.53
CA LEU C 171 -3.08 -1.89 2.85
C LEU C 171 -1.94 -0.92 3.15
N GLY C 172 -0.73 -1.37 2.86
CA GLY C 172 0.47 -0.56 3.02
C GLY C 172 0.39 0.81 2.37
N LYS C 173 -0.17 0.90 1.17
CA LYS C 173 -0.34 2.19 0.51
C LYS C 173 -1.07 3.16 1.44
N VAL C 174 -2.14 2.69 2.06
CA VAL C 174 -2.93 3.53 2.97
C VAL C 174 -2.18 3.88 4.26
N ARG C 175 -1.63 2.85 4.92
CA ARG C 175 -0.94 3.05 6.18
C ARG C 175 0.22 4.01 6.03
N PHE C 176 0.90 3.91 4.88
CA PHE C 176 2.01 4.79 4.58
C PHE C 176 1.52 6.23 4.52
N ALA C 177 0.44 6.47 3.77
CA ALA C 177 -0.16 7.79 3.73
C ALA C 177 -0.42 8.37 5.14
N ASN C 178 -0.97 7.55 6.04
CA ASN C 178 -1.17 7.98 7.42
C ASN C 178 0.16 8.36 8.05
N TYR C 179 1.11 7.43 7.97
CA TYR C 179 2.42 7.62 8.54
C TYR C 179 3.05 8.92 8.03
N LYS C 180 2.90 9.18 6.74
CA LYS C 180 3.51 10.35 6.13
C LYS C 180 2.86 11.62 6.66
N LEU C 181 1.59 11.50 7.02
CA LEU C 181 0.84 12.64 7.55
C LEU C 181 1.37 13.05 8.92
N LEU C 182 1.51 12.07 9.82
CA LEU C 182 1.99 12.32 11.16
C LEU C 182 3.40 12.88 11.09
N LEU C 183 4.20 12.32 10.21
CA LEU C 183 5.57 12.76 10.04
C LEU C 183 5.66 14.24 9.68
N LYS C 184 4.78 14.67 8.76
CA LYS C 184 4.75 16.06 8.36
C LYS C 184 4.26 16.95 9.50
N LYS C 185 3.37 16.41 10.34
CA LYS C 185 2.89 17.14 11.51
C LYS C 185 4.06 17.36 12.48
N ILE C 186 4.72 16.27 12.84
CA ILE C 186 5.91 16.33 13.67
C ILE C 186 6.92 17.35 13.14
N ILE C 187 7.17 17.31 11.83
CA ILE C 187 8.13 18.24 11.23
C ILE C 187 7.67 19.69 11.37
N LYS C 188 6.39 19.93 11.16
CA LYS C 188 5.87 21.30 11.32
C LYS C 188 6.11 21.79 12.74
N ASP C 189 5.72 20.98 13.72
CA ASP C 189 5.83 21.34 15.12
C ASP C 189 7.26 21.61 15.51
N TYR C 190 8.09 20.59 15.34
CA TYR C 190 9.43 20.65 15.85
C TYR C 190 10.36 21.54 15.05
N VAL C 191 10.07 21.69 13.76
CA VAL C 191 11.02 22.36 12.88
C VAL C 191 10.46 23.61 12.21
N LEU C 192 9.43 23.43 11.38
CA LEU C 192 8.87 24.53 10.61
C LEU C 192 8.46 25.73 11.47
N ASP C 193 7.83 25.46 12.60
CA ASP C 193 7.36 26.49 13.52
C ASP C 193 8.50 27.15 14.29
N ILE C 194 9.50 26.36 14.63
CA ILE C 194 10.67 26.88 15.32
C ILE C 194 11.55 27.78 14.44
N VAL C 195 11.99 27.27 13.29
CA VAL C 195 12.81 28.09 12.39
C VAL C 195 11.96 28.68 11.26
N PRO C 196 11.93 30.02 11.18
CA PRO C 196 10.93 30.78 10.40
C PRO C 196 10.95 30.52 8.90
N GLY C 197 12.12 30.56 8.27
CA GLY C 197 12.17 30.47 6.82
C GLY C 197 11.84 29.10 6.27
N SER C 198 11.94 28.09 7.11
CA SER C 198 11.90 26.69 6.68
C SER C 198 10.61 26.24 6.03
N SER C 199 10.75 25.24 5.14
CA SER C 199 9.65 24.57 4.46
C SER C 199 10.06 23.16 4.06
N ILE C 200 9.16 22.42 3.44
CA ILE C 200 9.40 21.01 3.15
C ILE C 200 8.99 20.64 1.72
N THR C 201 9.80 19.78 1.09
CA THR C 201 9.60 19.37 -0.29
C THR C 201 9.75 17.87 -0.38
N GLU C 202 8.70 17.17 -0.78
CA GLU C 202 8.83 15.73 -0.99
C GLU C 202 9.15 15.32 -2.41
N THR C 203 9.93 14.27 -2.53
CA THR C 203 10.47 13.84 -3.80
C THR C 203 10.24 12.34 -3.89
N GLU C 204 10.18 11.85 -5.13
CA GLU C 204 10.18 10.41 -5.39
C GLU C 204 11.61 9.89 -5.21
N VAL C 205 11.77 8.80 -4.46
CA VAL C 205 13.09 8.20 -4.29
C VAL C 205 13.67 7.65 -5.60
N GLU C 219 18.26 -16.24 -19.00
CA GLU C 219 17.46 -17.01 -19.97
C GLU C 219 16.20 -16.23 -20.33
N ASN C 220 15.60 -16.54 -21.48
CA ASN C 220 14.51 -15.71 -21.95
C ASN C 220 13.19 -16.25 -21.44
N ILE C 221 12.75 -15.67 -20.33
CA ILE C 221 11.38 -15.67 -19.85
C ILE C 221 10.78 -14.26 -19.98
N THR C 222 11.55 -13.36 -20.58
CA THR C 222 11.40 -11.91 -20.43
C THR C 222 9.96 -11.41 -20.52
N LYS C 223 9.17 -12.03 -21.40
CA LYS C 223 7.74 -11.74 -21.51
C LYS C 223 7.04 -11.83 -20.16
N LEU C 224 7.47 -12.78 -19.33
CA LEU C 224 6.94 -12.90 -17.98
C LEU C 224 7.43 -11.75 -17.08
N ASN C 225 8.74 -11.55 -17.04
CA ASN C 225 9.31 -10.48 -16.22
C ASN C 225 8.77 -9.11 -16.56
N LYS C 226 8.39 -8.92 -17.82
CA LYS C 226 7.80 -7.67 -18.26
C LYS C 226 6.39 -7.51 -17.69
N GLU C 227 5.64 -8.61 -17.62
CA GLU C 227 4.29 -8.57 -17.05
C GLU C 227 4.33 -8.26 -15.55
N ILE C 228 5.26 -8.89 -14.85
CA ILE C 228 5.42 -8.67 -13.42
C ILE C 228 6.00 -7.29 -13.13
N ARG C 229 6.96 -6.86 -13.94
CA ARG C 229 7.55 -5.54 -13.80
C ARG C 229 6.49 -4.45 -13.84
N ALA C 230 5.43 -4.67 -14.62
CA ALA C 230 4.37 -3.69 -14.76
C ALA C 230 3.67 -3.39 -13.43
N PHE C 231 3.65 -4.39 -12.53
CA PHE C 231 3.02 -4.25 -11.21
C PHE C 231 4.01 -3.89 -10.11
N ASP C 232 5.26 -3.62 -10.48
CA ASP C 232 6.21 -3.09 -9.51
C ASP C 232 5.69 -1.81 -8.87
N LYS C 233 4.80 -1.11 -9.57
CA LYS C 233 4.19 0.11 -9.06
C LYS C 233 3.40 -0.16 -7.79
N LEU C 234 2.67 -1.27 -7.79
CA LEU C 234 1.86 -1.71 -6.67
C LEU C 234 2.65 -2.49 -5.60
N LEU C 235 3.67 -3.21 -6.01
CA LEU C 235 4.42 -4.07 -5.09
C LEU C 235 5.73 -3.50 -4.55
N ASN C 236 6.15 -2.34 -5.04
CA ASN C 236 7.34 -1.70 -4.51
C ASN C 236 7.07 -1.23 -3.09
N ILE C 237 8.02 -1.51 -2.20
CA ILE C 237 7.99 -0.95 -0.86
C ILE C 237 7.90 0.57 -0.95
N PRO C 238 6.88 1.17 -0.31
CA PRO C 238 6.64 2.61 -0.39
C PRO C 238 7.72 3.47 0.31
N ARG C 239 8.21 4.49 -0.39
CA ARG C 239 9.16 5.44 0.21
C ARG C 239 9.03 6.87 -0.35
N ARG C 240 9.02 7.85 0.53
CA ARG C 240 9.14 9.24 0.13
C ARG C 240 10.25 9.93 0.91
N GLU C 241 10.92 10.87 0.27
CA GLU C 241 11.90 11.68 0.95
C GLU C 241 11.34 13.06 1.19
N LEU C 242 11.33 13.48 2.45
CA LEU C 242 10.94 14.84 2.79
C LEU C 242 12.19 15.68 3.04
N LYS C 243 12.49 16.60 2.13
CA LYS C 243 13.64 17.49 2.33
C LYS C 243 13.18 18.73 3.05
N ILE C 244 13.90 19.12 4.10
CA ILE C 244 13.54 20.35 4.78
C ILE C 244 14.44 21.49 4.31
N ASN C 245 13.82 22.51 3.77
CA ASN C 245 14.54 23.67 3.30
C ASN C 245 14.79 24.56 4.51
N LEU C 246 16.05 24.91 4.75
CA LEU C 246 16.42 25.77 5.87
C LEU C 246 17.06 27.02 5.31
N PRO C 247 16.94 28.15 6.04
CA PRO C 247 17.55 29.38 5.53
C PRO C 247 19.07 29.27 5.59
N LEU C 248 19.73 29.83 4.59
CA LEU C 248 21.18 29.77 4.53
C LEU C 248 21.79 30.79 5.45
N THR C 249 22.56 30.31 6.43
CA THR C 249 23.40 31.19 7.24
C THR C 249 24.58 31.54 6.35
N GLU C 250 25.05 32.78 6.43
CA GLU C 250 26.05 33.25 5.47
C GLU C 250 27.42 32.60 5.70
N HIS C 251 27.64 32.07 6.90
CA HIS C 251 28.86 31.30 7.18
C HIS C 251 28.77 29.86 6.71
N LYS C 252 27.60 29.24 6.88
CA LYS C 252 27.39 27.85 6.51
C LYS C 252 25.96 27.56 6.11
N SER C 253 25.76 26.57 5.25
CA SER C 253 24.39 26.21 4.86
C SER C 253 24.05 24.83 5.42
N PRO C 254 23.21 24.81 6.48
CA PRO C 254 22.78 23.55 7.10
C PRO C 254 21.83 22.84 6.16
N ASN C 255 21.93 21.52 6.06
CA ASN C 255 20.92 20.79 5.31
C ASN C 255 20.36 19.58 6.05
N LEU C 256 19.04 19.45 6.01
CA LEU C 256 18.31 18.43 6.74
C LEU C 256 17.28 17.79 5.82
N SER C 257 17.17 16.47 5.89
CA SER C 257 16.14 15.76 5.12
C SER C 257 15.77 14.47 5.84
N LEU C 258 14.53 14.03 5.64
CA LEU C 258 14.05 12.80 6.26
C LEU C 258 13.49 11.90 5.17
N LEU C 260 10.96 8.49 4.66
CA LEU C 260 10.02 7.60 5.29
C LEU C 260 9.89 6.37 4.42
N GLU C 261 9.87 5.19 5.03
CA GLU C 261 9.72 3.94 4.29
C GLU C 261 9.10 2.81 5.11
N SER C 262 8.54 1.82 4.42
CA SER C 262 7.81 0.72 5.01
C SER C 262 8.34 -0.61 4.49
N PRO C 263 9.45 -1.09 5.06
CA PRO C 263 10.18 -2.20 4.42
C PRO C 263 9.34 -3.48 4.34
N ASN C 264 8.55 -3.75 5.38
CA ASN C 264 7.64 -4.91 5.41
C ASN C 264 6.18 -4.59 5.00
N TYR C 265 6.02 -3.37 4.49
CA TYR C 265 4.80 -2.74 3.95
C TYR C 265 3.85 -2.13 4.96
N CYS C 266 3.84 -2.66 6.18
CA CYS C 266 2.90 -2.15 7.19
C CYS C 266 3.46 -1.34 8.36
N ASN C 267 4.78 -1.25 8.48
CA ASN C 267 5.38 -0.46 9.53
C ASN C 267 6.18 0.66 8.94
N ALA C 268 6.77 1.50 9.76
CA ALA C 268 7.46 2.65 9.22
C ALA C 268 8.88 2.74 9.72
N LEU C 269 9.81 3.10 8.84
CA LEU C 269 11.13 3.53 9.26
C LEU C 269 11.32 4.97 8.83
N ILE C 270 11.98 5.74 9.69
CA ILE C 270 12.25 7.13 9.43
C ILE C 270 13.76 7.31 9.40
N HIS C 271 14.27 7.82 8.29
CA HIS C 271 15.70 8.06 8.15
C HIS C 271 15.96 9.55 8.18
N ILE C 272 16.79 10.01 9.11
CA ILE C 272 17.12 11.43 9.16
C ILE C 272 18.58 11.69 8.88
N LYS C 273 18.85 12.60 7.95
CA LYS C 273 20.21 13.02 7.68
C LYS C 273 20.36 14.50 7.97
N PHE C 274 21.34 14.85 8.79
CA PHE C 274 21.64 16.25 9.03
C PHE C 274 23.11 16.56 8.86
N SER C 275 23.43 17.57 8.06
CA SER C 275 24.78 18.11 8.07
C SER C 275 24.78 19.63 8.00
N ALA C 276 25.26 20.30 9.03
CA ALA C 276 25.56 21.70 8.85
C ALA C 276 27.06 21.86 9.00
N GLY C 277 27.73 21.89 7.85
CA GLY C 277 29.16 22.09 7.82
C GLY C 277 29.64 23.52 7.98
N THR C 278 30.45 23.76 8.99
CA THR C 278 31.45 24.81 8.94
C THR C 278 32.65 23.93 9.21
N GLU C 279 33.62 23.93 8.33
CA GLU C 279 34.65 22.89 8.36
C GLU C 279 35.44 22.83 9.67
N ALA C 280 35.30 23.87 10.48
CA ALA C 280 35.73 23.85 11.87
C ALA C 280 34.69 23.16 12.77
N ASN C 281 33.42 23.46 12.52
CA ASN C 281 32.30 22.92 13.30
C ASN C 281 31.59 21.71 12.65
N ALA C 282 32.06 21.29 11.48
CA ALA C 282 31.30 20.38 10.60
C ALA C 282 30.79 19.10 11.27
N VAL C 283 29.47 18.89 11.17
CA VAL C 283 28.83 17.69 11.72
C VAL C 283 28.09 16.93 10.63
N SER C 284 27.95 15.63 10.83
CA SER C 284 27.11 14.83 9.96
C SER C 284 26.40 13.79 10.80
N PHE C 285 25.09 13.69 10.60
CA PHE C 285 24.30 12.65 11.25
C PHE C 285 23.62 11.80 10.19
N ASP C 286 23.70 10.48 10.35
CA ASP C 286 22.91 9.57 9.53
C ASP C 286 22.17 8.63 10.47
N THR C 287 20.86 8.75 10.52
CA THR C 287 20.10 8.09 11.56
C THR C 287 18.90 7.30 11.03
N THR C 288 18.45 6.33 11.83
CA THR C 288 17.28 5.52 11.49
C THR C 288 16.46 5.28 12.73
N PHE C 289 15.15 5.50 12.64
CA PHE C 289 14.25 5.36 13.79
C PHE C 289 13.00 4.59 13.42
N SER C 290 12.59 3.69 14.29
CA SER C 290 11.33 2.99 14.09
C SER C 290 10.17 3.59 14.90
N ASP C 291 10.45 4.68 15.62
CA ASP C 291 9.50 5.25 16.58
C ASP C 291 9.39 6.77 16.47
N PHE C 292 8.18 7.28 16.18
CA PHE C 292 7.99 8.73 16.05
C PHE C 292 8.37 9.49 17.31
N LYS C 293 8.30 8.82 18.46
CA LYS C 293 8.65 9.46 19.71
C LYS C 293 10.12 9.89 19.69
N GLU C 294 10.98 9.04 19.15
CA GLU C 294 12.40 9.32 19.08
C GLU C 294 12.76 10.28 17.96
N VAL C 295 11.92 10.39 16.94
CA VAL C 295 12.25 11.36 15.89
C VAL C 295 11.98 12.78 16.39
N GLU C 296 10.95 12.92 17.23
CA GLU C 296 10.65 14.20 17.86
C GLU C 296 11.83 14.63 18.74
N ASP C 297 12.36 13.66 19.50
CA ASP C 297 13.46 13.93 20.40
C ASP C 297 14.73 14.25 19.64
N PHE C 298 14.93 13.59 18.50
CA PHE C 298 16.13 13.87 17.74
C PHE C 298 16.03 15.15 16.93
N LEU C 299 14.83 15.46 16.45
CA LEU C 299 14.62 16.70 15.72
C LEU C 299 14.83 17.84 16.67
N HIS C 300 14.27 17.68 17.85
CA HIS C 300 14.43 18.70 18.87
C HIS C 300 15.92 18.95 19.16
N PHE C 301 16.67 17.87 19.36
CA PHE C 301 18.08 17.94 19.67
C PHE C 301 18.80 18.68 18.56
N ILE C 302 18.50 18.32 17.31
CA ILE C 302 19.14 18.93 16.15
C ILE C 302 18.85 20.41 16.06
N VAL C 303 17.57 20.78 16.01
CA VAL C 303 17.20 22.19 15.83
C VAL C 303 17.77 23.03 16.95
N ALA C 304 17.77 22.47 18.16
CA ALA C 304 18.26 23.17 19.36
C ALA C 304 19.69 23.64 19.20
N GLU C 305 20.62 22.68 19.18
CA GLU C 305 22.03 23.00 19.07
C GLU C 305 22.39 23.69 17.75
N TYR C 306 22.16 22.98 16.65
CA TYR C 306 22.68 23.35 15.34
C TYR C 306 21.89 24.36 14.50
N ILE C 307 20.58 24.25 14.44
CA ILE C 307 19.79 25.15 13.59
C ILE C 307 19.46 26.50 14.23
N GLN C 308 19.12 26.49 15.52
CA GLN C 308 18.74 27.71 16.24
C GLN C 308 19.87 28.72 16.33
N GLN C 309 19.50 29.99 16.55
CA GLN C 309 20.47 31.06 16.77
C GLN C 309 20.89 31.13 18.23
#